data_4ABD
#
_entry.id   4ABD
#
_cell.length_a   54.084
_cell.length_b   58.351
_cell.length_c   66.891
_cell.angle_alpha   90.00
_cell.angle_beta   90.00
_cell.angle_gamma   90.00
#
_symmetry.space_group_name_H-M   'P 21 21 21'
#
loop_
_entity.id
_entity.type
_entity.pdbx_description
1 polymer 'CATIONIC TRYPSIN'
2 non-polymer 'SULFATE ION'
3 non-polymer 'CALCIUM ION'
4 non-polymer 1,2-ETHANEDIOL
5 non-polymer 1-[3-(1H-pyrrol-1-yl)phenyl]methanamine
6 non-polymer 'DIMETHYL SULFOXIDE'
7 water water
#
_entity_poly.entity_id   1
_entity_poly.type   'polypeptide(L)'
_entity_poly.pdbx_seq_one_letter_code
;IVGGYTCGANTVPYQVSLNSGYHFCGGSLINSQWVVSAAHCYKSGIQVRLGEDNINVVEGNEQFISASKSIVHPSYNSNT
LNNDIMLIKLKSAASLNSRVASISLPTSCASAGTQCLISGWGNTKSSGTSYPDVLKCLKAPILSDSSCKSAYPGQITSNM
FCAGYLEGGKDSCQGDSGGPVVCSGKLQGIVSWGSGCAQKNKPGVYTKVCNYVSWIKQTIASN
;
_entity_poly.pdbx_strand_id   A
#
loop_
_chem_comp.id
_chem_comp.type
_chem_comp.name
_chem_comp.formula
CA non-polymer 'CALCIUM ION' 'Ca 2'
DMS non-polymer 'DIMETHYL SULFOXIDE' 'C2 H6 O S'
EDO non-polymer 1,2-ETHANEDIOL 'C2 H6 O2'
SO4 non-polymer 'SULFATE ION' 'O4 S -2'
SW2 non-polymer 1-[3-(1H-pyrrol-1-yl)phenyl]methanamine 'C11 H12 N2'
#
# COMPACT_ATOMS: atom_id res chain seq x y z
N ILE A 1 6.15 7.67 5.67
CA ILE A 1 6.54 6.67 6.77
C ILE A 1 7.23 7.49 7.86
N VAL A 2 6.70 7.36 9.06
CA VAL A 2 7.29 8.01 10.24
C VAL A 2 8.05 6.98 11.01
N GLY A 3 9.31 7.31 11.38
CA GLY A 3 10.14 6.43 12.22
C GLY A 3 10.70 5.22 11.47
N GLY A 4 10.80 5.31 10.15
CA GLY A 4 11.34 4.23 9.30
C GLY A 4 12.78 4.46 8.94
N TYR A 5 13.18 3.86 7.88
CA TYR A 5 14.61 3.89 7.42
C TYR A 5 14.58 4.04 5.90
N THR A 6 15.67 4.56 5.37
CA THR A 6 15.81 4.60 3.86
C THR A 6 15.95 3.18 3.34
N CYS A 7 15.06 2.76 2.45
CA CYS A 7 15.07 1.38 1.99
C CYS A 7 16.36 1.08 1.28
N GLY A 8 16.83 1.98 0.45
CA GLY A 8 17.88 1.69 -0.55
C GLY A 8 17.27 1.56 -1.90
N ALA A 9 17.96 2.11 -2.92
CA ALA A 9 17.36 2.20 -4.27
C ALA A 9 17.01 0.86 -4.81
N ASN A 10 15.71 0.73 -5.22
CA ASN A 10 15.22 -0.41 -5.91
C ASN A 10 15.25 -1.70 -5.09
N THR A 11 15.29 -1.63 -3.79
CA THR A 11 15.20 -2.78 -2.90
C THR A 11 13.82 -3.23 -2.66
N VAL A 12 12.81 -2.48 -3.12
CA VAL A 12 11.39 -2.80 -2.96
C VAL A 12 10.76 -2.77 -4.35
N PRO A 13 11.03 -3.80 -5.20
CA PRO A 13 10.91 -3.62 -6.63
C PRO A 13 9.48 -3.64 -7.15
N TYR A 14 8.55 -4.03 -6.28
CA TYR A 14 7.14 -3.98 -6.59
C TYR A 14 6.50 -2.64 -6.16
N GLN A 15 7.22 -1.75 -5.49
CA GLN A 15 6.63 -0.46 -5.08
C GLN A 15 6.49 0.45 -6.24
N VAL A 16 5.33 0.97 -6.56
N VAL A 16 5.30 1.04 -6.37
CA VAL A 16 5.23 2.00 -7.63
CA VAL A 16 5.02 2.02 -7.42
C VAL A 16 4.76 3.29 -6.89
C VAL A 16 4.73 3.39 -6.79
N SER A 17 5.00 4.40 -7.63
CA SER A 17 4.45 5.75 -7.34
C SER A 17 3.38 6.05 -8.31
N LEU A 18 2.20 6.52 -7.89
CA LEU A 18 1.16 7.00 -8.79
C LEU A 18 1.34 8.50 -8.93
N ASN A 19 1.41 8.96 -10.16
CA ASN A 19 1.73 10.36 -10.45
C ASN A 19 0.62 10.93 -11.32
N SER A 20 0.15 12.12 -10.88
CA SER A 20 -0.82 12.88 -11.72
C SER A 20 -0.31 14.31 -11.88
N GLY A 21 0.96 14.43 -12.20
CA GLY A 21 1.65 15.75 -12.15
C GLY A 21 2.60 15.87 -11.02
N TYR A 22 2.50 14.91 -10.08
CA TYR A 22 3.17 14.86 -8.77
C TYR A 22 2.83 13.48 -8.22
N HIS A 23 3.68 13.01 -7.28
CA HIS A 23 3.32 11.73 -6.53
C HIS A 23 2.17 12.02 -5.64
N PHE A 24 1.19 11.11 -5.61
CA PHE A 24 0.04 11.25 -4.68
C PHE A 24 -0.26 9.98 -3.92
N CYS A 25 0.18 8.81 -4.32
CA CYS A 25 -0.13 7.54 -3.62
C CYS A 25 0.85 6.52 -4.06
N GLY A 26 0.98 5.49 -3.26
CA GLY A 26 1.73 4.27 -3.67
C GLY A 26 0.84 3.26 -4.32
N GLY A 27 1.45 2.12 -4.73
CA GLY A 27 0.76 1.00 -5.30
C GLY A 27 1.74 -0.16 -5.32
N SER A 28 1.26 -1.34 -5.67
CA SER A 28 2.06 -2.58 -5.74
C SER A 28 1.88 -3.24 -7.09
N LEU A 29 2.99 -3.54 -7.78
CA LEU A 29 2.88 -4.21 -9.08
C LEU A 29 2.61 -5.70 -8.80
N ILE A 30 1.53 -6.23 -9.38
CA ILE A 30 1.19 -7.64 -9.16
C ILE A 30 1.34 -8.49 -10.39
N ASN A 31 1.50 -7.93 -11.56
CA ASN A 31 1.99 -8.66 -12.75
C ASN A 31 2.42 -7.58 -13.69
N SER A 32 2.88 -7.90 -14.95
CA SER A 32 3.42 -6.91 -15.78
C SER A 32 2.51 -5.82 -16.21
N GLN A 33 1.18 -6.09 -16.10
N GLN A 33 1.18 -5.97 -16.12
CA GLN A 33 0.11 -5.19 -16.57
CA GLN A 33 0.31 -4.91 -16.56
C GLN A 33 -0.71 -4.45 -15.48
C GLN A 33 -0.71 -4.44 -15.47
N TRP A 34 -0.58 -4.90 -14.22
CA TRP A 34 -1.58 -4.51 -13.20
C TRP A 34 -0.91 -4.08 -11.96
N VAL A 35 -1.52 -3.04 -11.35
CA VAL A 35 -1.09 -2.52 -10.06
C VAL A 35 -2.29 -2.58 -9.09
N VAL A 36 -2.05 -2.98 -7.83
N VAL A 36 -2.09 -2.82 -7.83
CA VAL A 36 -2.99 -2.86 -6.66
CA VAL A 36 -3.24 -2.68 -6.92
C VAL A 36 -2.75 -1.50 -5.93
C VAL A 36 -2.82 -1.57 -5.93
N SER A 37 -3.82 -0.78 -5.61
CA SER A 37 -3.67 0.42 -4.76
C SER A 37 -4.94 0.54 -3.93
N ALA A 38 -5.08 1.68 -3.26
CA ALA A 38 -6.24 1.96 -2.43
C ALA A 38 -7.32 2.64 -3.27
N ALA A 39 -8.59 2.27 -3.12
CA ALA A 39 -9.67 3.00 -3.77
C ALA A 39 -9.70 4.47 -3.45
N HIS A 40 -9.32 4.89 -2.25
CA HIS A 40 -9.35 6.33 -1.93
C HIS A 40 -8.29 7.07 -2.70
N CYS A 41 -7.36 6.40 -3.38
CA CYS A 41 -6.42 7.03 -4.29
C CYS A 41 -6.95 7.20 -5.68
N TYR A 42 -8.17 6.75 -6.03
N TYR A 42 -8.20 6.88 -5.96
CA TYR A 42 -8.65 6.88 -7.42
CA TYR A 42 -8.70 6.99 -7.33
C TYR A 42 -8.62 8.36 -7.86
C TYR A 42 -8.62 8.42 -7.82
N LYS A 43 -8.15 8.50 -9.07
CA LYS A 43 -8.41 9.70 -9.93
C LYS A 43 -8.17 9.25 -11.33
N SER A 44 -8.67 10.14 -12.25
CA SER A 44 -8.32 9.87 -13.70
C SER A 44 -6.94 10.42 -14.04
N GLY A 45 -6.40 9.97 -15.14
CA GLY A 45 -5.09 10.56 -15.60
C GLY A 45 -3.88 10.13 -14.77
N ILE A 46 -3.89 8.93 -14.32
CA ILE A 46 -2.73 8.37 -13.53
C ILE A 46 -1.65 7.91 -14.48
N GLN A 47 -0.43 8.25 -14.12
CA GLN A 47 0.78 7.66 -14.70
C GLN A 47 1.40 6.80 -13.61
N VAL A 48 1.66 5.54 -13.89
CA VAL A 48 2.32 4.66 -12.99
C VAL A 48 3.85 4.77 -13.14
N ARG A 49 4.58 4.97 -12.06
CA ARG A 49 6.04 5.09 -12.13
C ARG A 49 6.65 3.95 -11.36
N LEU A 50 7.32 3.11 -12.15
N LEU A 50 7.35 3.09 -12.09
CA LEU A 50 8.03 1.91 -11.72
CA LEU A 50 7.93 1.85 -11.56
C LEU A 50 9.54 2.12 -11.59
C LEU A 50 9.38 2.10 -11.59
N GLY A 51 10.22 1.32 -10.75
CA GLY A 51 11.68 1.45 -10.72
C GLY A 51 12.14 2.73 -10.08
N GLU A 52 11.27 3.40 -9.26
CA GLU A 52 11.64 4.65 -8.59
C GLU A 52 12.43 4.47 -7.31
N ASP A 53 13.37 5.33 -7.08
CA ASP A 53 13.92 5.60 -5.73
C ASP A 53 13.68 7.06 -5.45
N ASN A 54 14.52 7.98 -5.91
CA ASN A 54 14.26 9.39 -5.74
C ASN A 54 13.19 9.80 -6.75
N ILE A 55 11.99 10.12 -6.27
CA ILE A 55 10.87 10.43 -7.19
C ILE A 55 11.03 11.82 -7.87
N ASN A 56 11.98 12.64 -7.47
N ASN A 56 12.06 12.56 -7.43
CA ASN A 56 12.23 13.91 -8.11
CA ASN A 56 12.34 13.89 -7.86
C ASN A 56 13.34 13.91 -9.09
C ASN A 56 13.47 13.97 -8.87
N VAL A 57 14.10 12.81 -9.21
CA VAL A 57 15.29 12.77 -10.10
C VAL A 57 15.20 11.57 -10.94
N VAL A 58 15.51 11.69 -12.25
CA VAL A 58 15.61 10.50 -13.08
C VAL A 58 16.91 9.84 -12.82
N GLU A 59 16.95 8.61 -12.33
CA GLU A 59 18.19 7.94 -11.91
C GLU A 59 18.49 6.83 -12.84
N GLY A 60 17.63 6.33 -13.69
CA GLY A 60 18.04 5.38 -14.77
C GLY A 60 17.30 4.09 -14.74
N ASN A 61 16.54 3.70 -13.73
CA ASN A 61 15.81 2.42 -13.69
C ASN A 61 14.30 2.59 -13.79
N GLU A 62 13.83 3.80 -13.98
CA GLU A 62 12.38 4.03 -14.04
C GLU A 62 11.74 3.52 -15.29
N GLN A 63 10.46 3.16 -15.15
CA GLN A 63 9.56 3.00 -16.31
C GLN A 63 8.32 3.84 -15.99
N PHE A 64 7.87 4.72 -16.88
CA PHE A 64 6.70 5.56 -16.70
C PHE A 64 5.65 5.08 -17.70
N ILE A 65 4.50 4.58 -17.21
CA ILE A 65 3.50 3.97 -18.09
C ILE A 65 2.16 4.49 -17.63
N SER A 66 1.39 5.09 -18.57
CA SER A 66 0.08 5.63 -18.21
C SER A 66 -0.89 4.49 -17.96
N ALA A 67 -1.87 4.73 -17.10
CA ALA A 67 -2.99 3.82 -16.85
C ALA A 67 -3.95 3.81 -18.02
N SER A 68 -4.40 2.63 -18.46
N SER A 68 -4.43 2.61 -18.39
CA SER A 68 -5.46 2.61 -19.43
CA SER A 68 -5.52 2.42 -19.35
C SER A 68 -6.83 2.55 -18.80
C SER A 68 -6.88 2.55 -18.65
N LYS A 69 -6.97 2.20 -17.51
N LYS A 69 -6.99 1.75 -17.58
CA LYS A 69 -8.24 2.08 -16.81
CA LYS A 69 -8.25 1.56 -16.91
C LYS A 69 -7.90 1.87 -15.35
C LYS A 69 -7.99 1.44 -15.44
N SER A 70 -8.84 2.28 -14.52
N SER A 70 -8.87 1.94 -14.62
CA SER A 70 -8.88 2.02 -13.08
CA SER A 70 -8.69 1.65 -13.16
C SER A 70 -10.19 1.23 -12.74
C SER A 70 -10.06 1.30 -12.72
N ILE A 71 -10.11 0.32 -11.78
CA ILE A 71 -11.30 -0.38 -11.35
C ILE A 71 -11.33 -0.31 -9.83
N VAL A 72 -12.24 0.51 -9.29
CA VAL A 72 -12.47 0.58 -7.85
C VAL A 72 -13.36 -0.57 -7.42
N HIS A 73 -13.08 -1.16 -6.25
CA HIS A 73 -13.87 -2.29 -5.80
C HIS A 73 -15.36 -1.95 -5.80
N PRO A 74 -16.20 -2.98 -6.14
N PRO A 74 -16.19 -2.79 -6.32
CA PRO A 74 -17.66 -2.81 -6.23
CA PRO A 74 -17.59 -2.39 -6.34
C PRO A 74 -18.33 -2.33 -4.94
C PRO A 74 -18.20 -2.03 -4.97
N SER A 75 -17.73 -2.63 -3.85
CA SER A 75 -18.31 -2.36 -2.54
C SER A 75 -17.54 -1.28 -1.80
N TYR A 76 -16.63 -0.57 -2.44
CA TYR A 76 -15.88 0.52 -1.73
C TYR A 76 -16.86 1.53 -1.17
N ASN A 77 -16.69 1.85 0.13
CA ASN A 77 -17.48 2.96 0.77
C ASN A 77 -16.49 3.98 1.23
N SER A 78 -16.54 5.15 0.65
CA SER A 78 -15.56 6.18 0.99
C SER A 78 -15.77 6.85 2.34
N ASN A 79 -16.94 6.66 2.95
CA ASN A 79 -17.18 7.15 4.32
C ASN A 79 -16.56 6.24 5.36
N THR A 80 -16.68 4.94 5.22
CA THR A 80 -16.17 3.98 6.24
C THR A 80 -14.80 3.44 5.82
N LEU A 81 -14.38 3.67 4.57
CA LEU A 81 -13.19 3.07 3.97
C LEU A 81 -13.27 1.57 3.91
N ASN A 82 -14.44 0.97 4.03
CA ASN A 82 -14.51 -0.47 3.81
C ASN A 82 -14.24 -0.77 2.35
N ASN A 83 -13.47 -1.87 2.12
CA ASN A 83 -13.09 -2.29 0.77
C ASN A 83 -12.23 -1.26 0.03
N ASP A 84 -11.23 -0.74 0.75
CA ASP A 84 -10.37 0.37 0.18
C ASP A 84 -9.28 -0.25 -0.70
N ILE A 85 -9.70 -0.67 -1.92
CA ILE A 85 -8.85 -1.37 -2.89
C ILE A 85 -9.29 -1.01 -4.28
N MET A 86 -8.32 -0.79 -5.16
N MET A 86 -8.30 -0.97 -5.18
CA MET A 86 -8.62 -0.65 -6.59
CA MET A 86 -8.46 -0.54 -6.58
C MET A 86 -7.49 -1.31 -7.36
C MET A 86 -7.39 -1.15 -7.44
N LEU A 87 -7.77 -1.59 -8.65
CA LEU A 87 -6.82 -2.12 -9.61
C LEU A 87 -6.59 -1.12 -10.68
N ILE A 88 -5.35 -1.02 -11.17
CA ILE A 88 -4.98 -0.05 -12.23
C ILE A 88 -4.29 -0.85 -13.32
N LYS A 89 -4.80 -0.82 -14.55
CA LYS A 89 -4.15 -1.53 -15.69
C LYS A 89 -3.26 -0.54 -16.40
N LEU A 90 -2.07 -0.98 -16.76
CA LEU A 90 -1.09 -0.21 -17.55
C LEU A 90 -1.37 -0.27 -19.02
N LYS A 91 -1.21 0.85 -19.73
CA LYS A 91 -1.46 0.81 -21.22
CA LYS A 91 -1.36 0.89 -21.22
C LYS A 91 -0.50 -0.12 -21.93
N SER A 92 0.66 -0.40 -21.37
CA SER A 92 1.62 -1.37 -21.98
C SER A 92 2.24 -2.12 -20.85
N ALA A 93 2.74 -3.34 -21.06
CA ALA A 93 3.30 -4.14 -20.02
C ALA A 93 4.64 -3.57 -19.56
N ALA A 94 4.92 -3.52 -18.28
CA ALA A 94 6.25 -3.22 -17.77
C ALA A 94 7.21 -4.26 -18.21
N SER A 95 8.46 -3.82 -18.38
N SER A 95 8.48 -3.90 -18.33
CA SER A 95 9.66 -4.70 -18.50
CA SER A 95 9.57 -4.89 -18.55
C SER A 95 10.06 -5.24 -17.12
C SER A 95 10.17 -5.29 -17.24
N LEU A 96 9.88 -6.52 -16.82
CA LEU A 96 10.20 -6.96 -15.49
C LEU A 96 11.66 -7.28 -15.42
N ASN A 97 12.31 -6.95 -14.33
CA ASN A 97 13.72 -7.20 -14.13
C ASN A 97 13.98 -7.24 -12.60
N SER A 98 15.24 -7.24 -12.17
CA SER A 98 15.48 -7.32 -10.73
C SER A 98 14.99 -6.09 -9.92
N ARG A 99 14.82 -4.98 -10.58
N ARG A 99 14.82 -5.01 -10.61
CA ARG A 99 14.41 -3.67 -9.93
CA ARG A 99 14.51 -3.76 -9.94
C ARG A 99 12.95 -3.31 -10.22
C ARG A 99 13.08 -3.41 -10.12
N VAL A 100 12.31 -4.07 -11.05
CA VAL A 100 10.91 -3.82 -11.35
C VAL A 100 10.27 -5.19 -11.37
N ALA A 101 9.59 -5.59 -10.38
CA ALA A 101 9.17 -6.98 -10.19
C ALA A 101 7.83 -7.04 -9.54
N SER A 102 7.06 -8.03 -9.85
N SER A 102 7.03 -8.04 -9.87
CA SER A 102 5.77 -8.17 -9.20
CA SER A 102 5.74 -8.24 -9.18
C SER A 102 5.82 -8.87 -7.85
C SER A 102 5.93 -8.75 -7.78
N ILE A 103 4.88 -8.57 -6.97
CA ILE A 103 4.76 -9.20 -5.68
C ILE A 103 3.62 -10.20 -5.72
N SER A 104 3.83 -11.46 -5.32
N SER A 104 3.85 -11.37 -5.08
CA SER A 104 2.78 -12.43 -5.34
CA SER A 104 2.88 -12.42 -4.96
C SER A 104 1.68 -12.02 -4.36
C SER A 104 1.62 -12.02 -4.18
N LEU A 105 0.46 -12.45 -4.73
CA LEU A 105 -0.75 -12.35 -3.88
C LEU A 105 -0.72 -13.46 -2.80
N PRO A 106 -1.37 -13.28 -1.71
CA PRO A 106 -1.32 -14.31 -0.63
C PRO A 106 -2.15 -15.50 -0.99
N THR A 107 -1.88 -16.65 -0.37
N THR A 107 -1.56 -16.65 -0.63
CA THR A 107 -2.82 -17.81 -0.44
CA THR A 107 -2.29 -17.91 -0.51
C THR A 107 -3.76 -17.94 0.77
C THR A 107 -3.06 -17.94 0.76
N SER A 108 -3.28 -17.40 1.82
N SER A 108 -2.39 -17.40 2.01
CA SER A 108 -4.02 -17.36 3.07
CA SER A 108 -3.39 -17.32 3.16
C SER A 108 -3.54 -16.07 3.79
C SER A 108 -3.41 -15.94 3.80
N CYS A 109 -4.38 -15.68 4.66
CA CYS A 109 -4.28 -14.43 5.47
C CYS A 109 -3.20 -14.49 6.51
N ALA A 110 -2.37 -13.52 6.69
CA ALA A 110 -1.32 -13.51 7.69
C ALA A 110 -1.87 -13.31 9.05
N SER A 111 -1.23 -13.79 10.09
N SER A 111 -1.27 -13.91 10.07
CA SER A 111 -1.75 -13.73 11.45
CA SER A 111 -1.65 -13.60 11.44
C SER A 111 -1.12 -12.50 12.20
C SER A 111 -0.81 -12.40 11.93
N ALA A 112 -1.86 -12.08 13.26
CA ALA A 112 -1.25 -11.13 14.17
C ALA A 112 0.09 -11.65 14.65
N GLY A 113 1.07 -10.76 14.79
CA GLY A 113 2.43 -11.07 15.20
C GLY A 113 3.41 -11.25 14.05
N THR A 114 2.81 -11.46 12.86
N THR A 114 3.00 -11.48 12.84
CA THR A 114 3.69 -11.60 11.63
CA THR A 114 4.04 -11.58 11.82
C THR A 114 4.33 -10.29 11.35
C THR A 114 4.62 -10.14 11.53
N GLN A 115 5.56 -10.37 11.03
N GLN A 115 5.89 -10.09 11.28
CA GLN A 115 6.35 -9.22 10.64
CA GLN A 115 6.53 -8.84 10.87
C GLN A 115 6.06 -8.86 9.19
C GLN A 115 6.38 -8.63 9.36
N CYS A 116 6.02 -7.55 8.93
N CYS A 116 6.01 -7.42 9.00
CA CYS A 116 5.72 -7.01 7.57
CA CYS A 116 5.84 -7.10 7.56
C CYS A 116 6.60 -5.81 7.24
C CYS A 116 6.71 -5.88 7.23
N LEU A 117 6.79 -5.57 5.95
CA LEU A 117 7.52 -4.41 5.41
C LEU A 117 6.49 -3.48 4.77
N ILE A 118 6.47 -2.23 5.28
CA ILE A 118 5.58 -1.18 4.78
C ILE A 118 6.44 -0.11 4.18
N SER A 119 6.09 0.43 3.01
CA SER A 119 7.01 1.36 2.32
C SER A 119 6.23 2.47 1.63
N GLY A 120 6.92 3.61 1.42
CA GLY A 120 6.28 4.68 0.65
C GLY A 120 7.07 5.96 0.77
N TRP A 121 6.53 6.97 0.03
CA TRP A 121 7.14 8.29 -0.09
C TRP A 121 6.29 9.30 0.72
N GLY A 122 5.52 8.87 1.68
CA GLY A 122 4.68 9.77 2.49
C GLY A 122 5.48 10.58 3.52
N ASN A 123 4.72 11.40 4.24
CA ASN A 123 5.31 12.31 5.27
C ASN A 123 6.06 11.47 6.27
N THR A 124 7.20 12.03 6.73
CA THR A 124 8.04 11.40 7.71
C THR A 124 7.88 12.02 9.12
N LYS A 125 6.90 12.90 9.34
N LYS A 125 7.08 13.08 9.22
CA LYS A 125 6.74 13.52 10.72
CA LYS A 125 6.73 13.70 10.56
C LYS A 125 5.28 13.35 11.20
C LYS A 125 5.30 13.33 11.07
N SER A 126 5.18 13.06 12.48
N SER A 126 5.16 13.22 12.37
N SER A 126 5.44 13.09 12.59
CA SER A 126 3.90 12.99 13.16
CA SER A 126 3.88 13.02 13.03
CA SER A 126 4.13 12.94 13.27
C SER A 126 3.25 14.36 13.27
C SER A 126 3.22 14.38 13.36
C SER A 126 3.38 14.23 13.64
N SER A 127 4.07 15.38 13.53
CA SER A 127 3.61 16.79 13.70
C SER A 127 4.32 17.63 12.61
N GLY A 128 3.53 18.27 11.80
CA GLY A 128 4.12 19.02 10.74
C GLY A 128 4.38 18.10 9.56
N THR A 129 5.19 18.60 8.63
N THR A 129 5.24 18.57 8.68
CA THR A 129 5.28 17.99 7.31
CA THR A 129 5.36 17.90 7.39
C THR A 129 6.63 18.04 6.67
C THR A 129 6.76 17.98 6.86
N SER A 130 7.18 16.84 6.33
CA SER A 130 8.40 16.78 5.60
C SER A 130 8.31 15.53 4.69
N TYR A 131 8.35 15.74 3.39
N TYR A 131 8.41 15.69 3.40
CA TYR A 131 8.33 14.61 2.44
CA TYR A 131 8.14 14.59 2.45
C TYR A 131 9.77 14.19 2.14
C TYR A 131 9.47 14.23 1.80
N PRO A 132 9.92 12.92 1.92
CA PRO A 132 11.20 12.46 1.51
C PRO A 132 11.21 12.35 -0.06
N ASP A 133 12.35 12.41 -0.59
N ASP A 133 12.38 12.40 -0.59
CA ASP A 133 12.35 12.15 -2.03
CA ASP A 133 12.47 12.19 -2.04
C ASP A 133 12.62 10.65 -2.35
C ASP A 133 12.82 10.73 -2.40
N VAL A 134 13.38 9.98 -1.45
CA VAL A 134 13.70 8.57 -1.62
C VAL A 134 12.71 7.69 -0.85
N LEU A 135 12.66 6.42 -1.27
CA LEU A 135 11.67 5.53 -0.67
C LEU A 135 12.02 5.19 0.80
N LYS A 136 11.01 5.23 1.68
N LYS A 136 11.07 5.26 1.72
CA LYS A 136 11.16 4.86 3.12
CA LYS A 136 11.25 4.90 3.14
C LYS A 136 10.50 3.57 3.40
C LYS A 136 10.55 3.60 3.41
N CYS A 137 11.02 2.89 4.42
CA CYS A 137 10.62 1.54 4.76
C CYS A 137 10.38 1.46 6.27
N LEU A 138 9.52 0.55 6.68
CA LEU A 138 9.27 0.29 8.13
C LEU A 138 8.97 -1.15 8.28
N LYS A 139 9.62 -1.83 9.22
CA LYS A 139 9.25 -3.21 9.61
C LYS A 139 8.33 -3.10 10.76
N ALA A 140 7.15 -3.75 10.69
CA ALA A 140 6.13 -3.62 11.77
C ALA A 140 5.33 -4.89 11.79
N PRO A 141 4.81 -5.23 12.99
CA PRO A 141 3.98 -6.46 13.09
C PRO A 141 2.52 -6.16 12.85
N ILE A 142 1.81 -7.18 12.36
CA ILE A 142 0.35 -7.13 12.38
C ILE A 142 -0.14 -7.21 13.83
N LEU A 143 -1.08 -6.40 14.22
CA LEU A 143 -1.67 -6.40 15.57
C LEU A 143 -2.90 -7.30 15.59
N SER A 144 -3.23 -7.76 16.80
CA SER A 144 -4.41 -8.57 16.94
C SER A 144 -5.70 -7.77 16.52
N ASP A 145 -6.67 -8.52 16.05
CA ASP A 145 -8.01 -7.94 15.78
CA ASP A 145 -7.96 -7.90 15.77
C ASP A 145 -8.58 -7.25 16.98
N SER A 146 -8.41 -7.90 18.15
N SER A 146 -8.37 -7.86 18.16
CA SER A 146 -9.06 -7.36 19.30
CA SER A 146 -8.85 -7.29 19.41
C SER A 146 -8.43 -5.97 19.64
C SER A 146 -8.11 -5.96 19.72
N SER A 147 -7.06 -5.78 19.66
N SER A 147 -6.83 -5.98 19.47
CA SER A 147 -6.39 -4.52 19.92
CA SER A 147 -6.20 -4.77 19.73
C SER A 147 -6.67 -3.50 18.82
C SER A 147 -6.69 -3.62 18.79
N CYS A 148 -6.86 -3.97 17.54
CA CYS A 148 -7.22 -3.01 16.48
C CYS A 148 -8.61 -2.44 16.75
N LYS A 149 -9.55 -3.30 17.13
N LYS A 149 -9.59 -3.34 17.00
CA LYS A 149 -10.88 -2.82 17.48
CA LYS A 149 -10.97 -2.93 17.27
C LYS A 149 -10.99 -2.00 18.64
C LYS A 149 -10.96 -2.08 18.60
N SER A 150 -10.11 -2.18 19.63
N SER A 150 -10.17 -2.54 19.59
CA SER A 150 -10.12 -1.40 20.84
CA SER A 150 -10.01 -1.71 20.81
C SER A 150 -9.45 -0.07 20.56
C SER A 150 -9.54 -0.24 20.50
N ALA A 151 -8.51 -0.07 19.61
CA ALA A 151 -7.95 1.19 19.24
C ALA A 151 -8.92 2.11 18.48
N TYR A 152 -9.80 1.49 17.67
CA TYR A 152 -10.71 2.24 16.81
C TYR A 152 -12.12 1.67 16.96
N PRO A 153 -12.76 1.95 18.11
CA PRO A 153 -14.09 1.40 18.34
C PRO A 153 -15.03 1.79 17.21
N GLY A 154 -15.79 0.78 16.79
CA GLY A 154 -16.88 1.01 15.79
C GLY A 154 -16.38 1.19 14.37
N GLN A 155 -15.11 0.86 14.04
N GLN A 155 -15.07 1.11 14.11
CA GLN A 155 -14.59 1.31 12.70
CA GLN A 155 -14.51 1.43 12.73
C GLN A 155 -13.80 0.26 11.99
C GLN A 155 -13.89 0.21 11.99
N ILE A 156 -13.47 -0.84 12.65
CA ILE A 156 -12.68 -1.89 11.99
C ILE A 156 -13.55 -2.95 11.45
N THR A 157 -13.60 -3.14 10.14
CA THR A 157 -14.38 -4.17 9.50
C THR A 157 -13.53 -5.40 9.32
N SER A 158 -14.16 -6.48 8.82
CA SER A 158 -13.47 -7.72 8.50
C SER A 158 -12.51 -7.57 7.34
N ASN A 159 -12.56 -6.41 6.63
CA ASN A 159 -11.63 -6.16 5.47
C ASN A 159 -10.50 -5.27 5.87
N MET A 160 -10.20 -5.12 7.18
CA MET A 160 -9.16 -4.21 7.67
C MET A 160 -8.33 -4.91 8.71
N PHE A 161 -7.07 -4.59 8.82
CA PHE A 161 -6.25 -5.00 9.99
C PHE A 161 -5.37 -3.85 10.39
N CYS A 162 -4.89 -3.87 11.62
CA CYS A 162 -3.93 -2.90 12.11
C CYS A 162 -2.58 -3.44 12.09
N ALA A 163 -1.54 -2.60 11.86
CA ALA A 163 -0.15 -3.02 11.99
C ALA A 163 0.62 -1.85 12.50
N GLY A 164 1.70 -2.11 13.24
CA GLY A 164 2.48 -1.04 13.82
C GLY A 164 2.72 -1.22 15.31
N TYR A 165 2.63 -0.16 16.03
CA TYR A 165 3.17 -0.10 17.44
C TYR A 165 2.18 0.71 18.21
N LEU A 166 1.53 0.13 19.21
CA LEU A 166 0.60 0.88 20.09
C LEU A 166 1.30 1.98 20.84
N GLU A 167 2.61 1.86 21.07
N GLU A 167 2.60 1.92 21.06
CA GLU A 167 3.36 2.91 21.68
CA GLU A 167 3.27 2.98 21.71
C GLU A 167 3.48 4.15 20.80
C GLU A 167 3.55 4.16 20.77
N GLY A 168 3.20 4.03 19.50
CA GLY A 168 3.39 5.13 18.54
C GLY A 168 4.85 5.22 18.04
N GLY A 169 5.21 6.30 17.42
CA GLY A 169 6.56 6.59 16.93
C GLY A 169 6.88 6.08 15.55
N LYS A 170 6.23 5.12 15.02
N LYS A 170 6.26 4.82 15.22
CA LYS A 170 6.60 4.39 13.75
CA LYS A 170 6.57 4.20 13.89
C LYS A 170 5.33 3.90 13.13
C LYS A 170 5.26 3.97 13.19
N ASP A 171 5.08 4.45 11.96
CA ASP A 171 3.76 4.26 11.29
C ASP A 171 3.84 4.71 9.85
N SER A 172 2.88 4.33 9.04
CA SER A 172 2.66 4.96 7.73
C SER A 172 2.00 6.32 7.90
N CYS A 173 1.97 7.10 6.83
CA CYS A 173 1.42 8.45 6.94
C CYS A 173 0.92 8.96 5.63
N GLN A 174 0.33 10.16 5.62
N GLN A 174 0.61 10.27 5.51
CA GLN A 174 -0.16 10.78 4.41
CA GLN A 174 0.01 10.84 4.30
C GLN A 174 0.86 10.66 3.27
C GLN A 174 0.94 10.71 3.15
N GLY A 175 0.42 10.24 2.08
CA GLY A 175 1.27 10.03 0.89
C GLY A 175 1.75 8.58 0.75
N ASP A 176 1.62 7.78 1.79
CA ASP A 176 1.93 6.34 1.70
C ASP A 176 0.72 5.58 1.25
N SER A 177 -0.48 6.16 1.27
CA SER A 177 -1.71 5.40 0.95
C SER A 177 -1.59 4.68 -0.38
N GLY A 178 -2.19 3.49 -0.40
CA GLY A 178 -2.20 2.67 -1.62
C GLY A 178 -0.99 1.77 -1.68
N GLY A 179 0.07 2.06 -0.91
CA GLY A 179 1.28 1.24 -1.01
C GLY A 179 1.18 -0.08 -0.26
N PRO A 180 2.27 -0.85 -0.40
CA PRO A 180 2.31 -2.28 0.08
C PRO A 180 2.58 -2.43 1.57
N VAL A 181 1.97 -3.52 2.08
CA VAL A 181 2.39 -4.20 3.34
C VAL A 181 2.68 -5.63 2.92
N VAL A 182 3.96 -6.00 2.96
CA VAL A 182 4.37 -7.33 2.45
C VAL A 182 4.86 -8.11 3.70
N CYS A 183 4.40 -9.36 3.77
CA CYS A 183 4.72 -10.20 4.96
C CYS A 183 5.07 -11.59 4.37
N SER A 184 6.29 -12.08 4.63
CA SER A 184 6.72 -13.41 4.18
C SER A 184 6.65 -13.45 2.67
N GLY A 185 6.96 -12.38 1.93
CA GLY A 185 7.03 -12.35 0.52
C GLY A 185 5.67 -12.34 -0.16
N LYS A 186 4.62 -12.05 0.61
N LYS A 186 4.61 -12.04 0.62
CA LYS A 186 3.28 -11.84 -0.11
CA LYS A 186 3.17 -11.95 0.11
C LYS A 186 2.67 -10.52 0.28
C LYS A 186 2.71 -10.55 0.33
N LEU A 187 1.87 -10.00 -0.63
CA LEU A 187 1.15 -8.71 -0.39
C LEU A 187 -0.02 -8.97 0.52
N GLN A 188 0.02 -8.60 1.77
N GLN A 188 0.09 -8.54 1.76
CA GLN A 188 -1.09 -8.80 2.67
CA GLN A 188 -0.90 -8.78 2.75
C GLN A 188 -1.91 -7.55 2.96
C GLN A 188 -1.82 -7.56 3.00
N GLY A 189 -1.31 -6.36 2.74
CA GLY A 189 -2.06 -5.14 3.05
C GLY A 189 -1.83 -4.05 2.08
N ILE A 190 -2.75 -3.09 2.12
CA ILE A 190 -2.62 -1.83 1.39
C ILE A 190 -2.75 -0.72 2.38
N VAL A 191 -1.83 0.25 2.37
CA VAL A 191 -1.93 1.42 3.29
C VAL A 191 -3.25 2.12 3.07
N SER A 192 -4.05 2.23 4.13
CA SER A 192 -5.45 2.71 3.98
C SER A 192 -5.67 3.92 4.85
N TRP A 193 -5.65 3.83 6.19
CA TRP A 193 -6.05 5.04 6.99
C TRP A 193 -5.53 4.90 8.38
N GLY A 194 -5.80 5.93 9.20
N GLY A 194 -5.61 6.02 9.13
CA GLY A 194 -5.59 5.85 10.65
CA GLY A 194 -5.33 6.01 10.59
C GLY A 194 -6.09 7.17 11.23
C GLY A 194 -5.69 7.35 11.16
N SER A 195 -5.57 7.54 12.37
N SER A 195 -5.72 7.43 12.50
CA SER A 195 -5.90 8.89 12.94
CA SER A 195 -5.88 8.74 13.21
C SER A 195 -4.51 9.60 13.16
C SER A 195 -4.57 9.37 13.33
N GLY A 196 -4.29 10.44 12.41
CA GLY A 196 -2.86 10.99 12.45
C GLY A 196 -1.86 9.89 12.05
N CYS A 197 -0.66 10.12 12.50
CA CYS A 197 0.48 9.15 12.24
C CYS A 197 1.30 8.97 13.41
N ALA A 198 1.63 7.76 13.78
CA ALA A 198 2.59 7.47 14.81
C ALA A 198 2.19 7.98 16.20
N GLN A 199 0.85 8.14 16.38
CA GLN A 199 0.30 8.54 17.74
C GLN A 199 0.09 7.29 18.54
N LYS A 200 0.17 7.47 19.89
CA LYS A 200 -0.07 6.39 20.81
C LYS A 200 -1.48 5.81 20.65
N ASN A 201 -1.58 4.49 20.65
CA ASN A 201 -2.88 3.82 20.54
C ASN A 201 -3.64 4.03 19.24
N LYS A 202 -2.97 4.53 18.22
CA LYS A 202 -3.62 4.80 16.90
C LYS A 202 -2.69 4.23 15.81
N PRO A 203 -2.61 2.92 15.75
CA PRO A 203 -1.75 2.30 14.68
C PRO A 203 -2.39 2.49 13.32
N GLY A 204 -1.58 2.21 12.30
CA GLY A 204 -2.13 2.25 10.93
C GLY A 204 -3.12 1.14 10.69
N VAL A 205 -4.05 1.43 9.79
CA VAL A 205 -5.09 0.50 9.35
C VAL A 205 -4.91 0.23 7.87
N TYR A 206 -5.03 -1.05 7.49
CA TYR A 206 -4.63 -1.58 6.20
C TYR A 206 -5.72 -2.41 5.62
N THR A 207 -5.90 -2.34 4.28
CA THR A 207 -6.88 -3.19 3.60
C THR A 207 -6.33 -4.60 3.62
N LYS A 208 -7.25 -5.56 3.95
N LYS A 208 -7.22 -5.55 3.98
CA LYS A 208 -6.87 -7.00 4.14
CA LYS A 208 -6.83 -6.95 4.13
C LYS A 208 -6.89 -7.72 2.79
C LYS A 208 -6.90 -7.69 2.79
N VAL A 209 -5.78 -7.70 2.09
CA VAL A 209 -5.69 -8.13 0.67
C VAL A 209 -6.13 -9.60 0.51
N CYS A 210 -5.89 -10.45 1.51
CA CYS A 210 -6.28 -11.87 1.32
C CYS A 210 -7.75 -11.97 1.10
N ASN A 211 -8.62 -11.09 1.51
CA ASN A 211 -10.05 -11.17 1.23
C ASN A 211 -10.40 -10.90 -0.21
N TYR A 212 -9.51 -10.43 -1.01
CA TYR A 212 -9.77 -9.87 -2.35
C TYR A 212 -9.11 -10.65 -3.44
N VAL A 213 -8.41 -11.76 -3.14
CA VAL A 213 -7.71 -12.46 -4.16
C VAL A 213 -8.61 -12.98 -5.28
N SER A 214 -9.74 -13.53 -4.97
N SER A 214 -9.75 -13.52 -4.94
N SER A 214 -9.76 -13.52 -4.91
CA SER A 214 -10.57 -14.02 -6.06
CA SER A 214 -10.65 -14.02 -5.98
CA SER A 214 -10.74 -14.00 -5.92
C SER A 214 -11.14 -12.85 -6.92
C SER A 214 -11.11 -12.87 -6.90
C SER A 214 -11.11 -12.87 -6.88
N TRP A 215 -11.50 -11.73 -6.29
CA TRP A 215 -11.89 -10.53 -7.09
C TRP A 215 -10.74 -10.06 -7.96
N ILE A 216 -9.52 -9.97 -7.42
CA ILE A 216 -8.40 -9.53 -8.18
C ILE A 216 -8.17 -10.44 -9.41
N LYS A 217 -8.12 -11.77 -9.12
CA LYS A 217 -7.81 -12.66 -10.25
C LYS A 217 -8.91 -12.65 -11.28
N GLN A 218 -10.17 -12.63 -10.88
N GLN A 218 -10.17 -12.62 -10.85
CA GLN A 218 -11.20 -12.66 -11.93
CA GLN A 218 -11.30 -12.60 -11.81
C GLN A 218 -11.31 -11.35 -12.65
C GLN A 218 -11.28 -11.36 -12.63
N THR A 219 -11.04 -10.20 -11.99
CA THR A 219 -11.02 -8.95 -12.67
C THR A 219 -9.93 -8.90 -13.66
N ILE A 220 -8.71 -9.29 -13.29
CA ILE A 220 -7.57 -9.34 -14.30
C ILE A 220 -7.92 -10.25 -15.45
N ALA A 221 -8.52 -11.37 -15.20
CA ALA A 221 -8.79 -12.40 -16.26
C ALA A 221 -9.78 -11.85 -17.31
N SER A 222 -10.66 -10.90 -17.00
N SER A 222 -10.49 -10.75 -17.04
CA SER A 222 -11.59 -10.32 -18.00
CA SER A 222 -11.61 -10.31 -17.81
C SER A 222 -11.40 -8.89 -18.34
C SER A 222 -11.41 -8.90 -18.31
N ASN A 223 -10.27 -8.29 -18.01
CA ASN A 223 -10.04 -6.84 -18.35
C ASN A 223 -8.70 -6.64 -18.95
S SO4 B . -16.37 -2.73 17.64
O1 SO4 B . -15.42 -3.28 16.67
O2 SO4 B . -15.91 -1.56 18.41
O3 SO4 B . -17.19 -3.78 18.28
O4 SO4 B . -17.32 -2.25 16.58
S SO4 C . -3.84 10.04 2.24
O1 SO4 C . -2.62 9.42 2.62
O2 SO4 C . -4.91 9.59 3.10
O3 SO4 C . -4.26 9.40 0.96
O4 SO4 C . -3.86 11.53 2.16
S SO4 D . 1.44 -17.39 1.79
O1 SO4 D . 0.25 -16.49 1.48
O2 SO4 D . 2.58 -16.61 2.45
O3 SO4 D . 2.25 -18.16 0.83
O4 SO4 D . 0.93 -18.42 2.75
CA CA E . 13.46 8.76 -10.09
C1 EDO F . 11.61 6.83 -17.58
O1 EDO F . 11.13 7.07 -18.92
C2 EDO F . 12.33 8.14 -17.25
O2 EDO F . 13.50 8.29 -18.15
C1 EDO G . 10.34 14.04 -11.67
O1 EDO G . 9.30 14.01 -12.70
C2 EDO G . 11.59 13.28 -12.29
O2 EDO G . 11.17 12.11 -12.97
C1 SW2 H . -1.72 5.52 9.10
N1 SW2 H . -0.98 6.29 10.14
C2 SW2 H . -2.18 6.41 7.98
N2 SW2 H . -2.93 9.96 7.07
C3 SW2 H . -2.16 5.90 6.70
C4 SW2 H . -2.38 6.66 5.59
C5 SW2 H . -2.69 8.03 5.71
C6 SW2 H . -2.70 8.54 6.98
C7 SW2 H . -3.55 10.76 6.15
C8 SW2 H . -3.64 12.08 6.59
C9 SW2 H . -3.00 11.95 7.85
C10 SW2 H . -2.52 10.71 8.15
C11 SW2 H . -2.42 7.77 8.09
S DMS I . -7.85 -3.69 -23.02
O DMS I . -9.28 -3.33 -22.76
C1 DMS I . -7.82 -5.34 -22.84
C2 DMS I . -6.95 -3.01 -21.91
#